data_2E1X
#
_entry.id   2E1X
#
loop_
_entity.id
_entity.type
_entity.pdbx_description
1 polymer 'Gag-Pol polyprotein (Pr160Gag-Pol)'
2 non-polymer 'ZINC ION'
#
_entity_poly.entity_id   1
_entity_poly.type   'polypeptide(L)'
_entity_poly.pdbx_seq_one_letter_code
;RAPRRQGCWKCGKTGHVMAKCPERQAG
;
_entity_poly.pdbx_strand_id   A
#
loop_
_chem_comp.id
_chem_comp.type
_chem_comp.name
_chem_comp.formula
ZN non-polymer 'ZINC ION' 'Zn 2'
#
# COMPACT_ATOMS: atom_id res chain seq x y z
N ARG A 1 10.62 -6.19 -2.73
CA ARG A 1 9.85 -5.28 -3.61
C ARG A 1 9.70 -3.90 -2.95
N ALA A 2 10.64 -3.03 -3.18
CA ALA A 2 10.57 -1.67 -2.57
C ALA A 2 9.31 -0.93 -3.05
N PRO A 3 8.93 0.06 -2.27
CA PRO A 3 7.73 0.87 -2.61
C PRO A 3 8.04 1.81 -3.77
N ARG A 4 8.18 1.28 -4.96
CA ARG A 4 8.47 2.14 -6.14
C ARG A 4 7.22 2.94 -6.53
N ARG A 5 6.07 2.38 -6.30
CA ARG A 5 4.80 3.10 -6.66
C ARG A 5 4.42 4.10 -5.56
N GLN A 6 5.32 4.36 -4.65
CA GLN A 6 4.99 5.32 -3.56
C GLN A 6 3.64 4.97 -2.92
N GLY A 7 3.62 3.99 -2.07
CA GLY A 7 2.33 3.61 -1.42
C GLY A 7 1.67 2.47 -2.20
N CYS A 8 0.48 2.10 -1.82
CA CYS A 8 -0.23 1.01 -2.55
C CYS A 8 -0.55 1.45 -3.97
N TRP A 9 -0.77 0.50 -4.85
CA TRP A 9 -1.10 0.86 -6.25
C TRP A 9 -2.61 0.97 -6.37
N LYS A 10 -3.28 1.23 -5.28
CA LYS A 10 -4.75 1.32 -5.29
C LYS A 10 -5.26 2.30 -4.23
N CYS A 11 -4.72 2.25 -3.04
CA CYS A 11 -5.18 3.19 -1.97
C CYS A 11 -4.53 4.56 -2.19
N GLY A 12 -3.27 4.57 -2.53
CA GLY A 12 -2.58 5.86 -2.78
C GLY A 12 -1.96 6.39 -1.49
N LYS A 13 -1.33 5.53 -0.71
CA LYS A 13 -0.72 6.01 0.55
C LYS A 13 0.58 5.25 0.85
N THR A 14 1.53 5.90 1.46
CA THR A 14 2.82 5.23 1.79
C THR A 14 2.69 4.42 3.09
N GLY A 15 3.77 3.93 3.60
CA GLY A 15 3.70 3.13 4.87
C GLY A 15 3.15 1.73 4.57
N HIS A 16 2.80 1.47 3.33
CA HIS A 16 2.26 0.15 2.94
C HIS A 16 1.80 0.22 1.49
N VAL A 17 1.81 -0.87 0.81
CA VAL A 17 1.38 -0.83 -0.60
C VAL A 17 0.23 -1.80 -0.84
N MET A 18 -0.06 -2.12 -2.06
CA MET A 18 -1.18 -3.06 -2.35
C MET A 18 -0.82 -4.44 -1.79
N ALA A 19 0.43 -4.65 -1.52
CA ALA A 19 0.88 -5.96 -0.97
C ALA A 19 0.85 -5.92 0.55
N LYS A 20 1.02 -4.77 1.14
CA LYS A 20 1.00 -4.68 2.63
C LYS A 20 -0.22 -3.88 3.11
N CYS A 21 -0.91 -3.21 2.23
CA CYS A 21 -2.10 -2.42 2.65
C CYS A 21 -3.00 -3.27 3.54
N PRO A 22 -3.93 -2.62 4.17
CA PRO A 22 -4.87 -3.32 5.08
C PRO A 22 -5.96 -4.05 4.28
N GLU A 23 -6.09 -3.77 3.01
CA GLU A 23 -7.15 -4.46 2.22
C GLU A 23 -6.59 -4.99 0.90
N ARG A 24 -5.87 -6.09 0.96
CA ARG A 24 -5.30 -6.68 -0.28
C ARG A 24 -5.92 -8.05 -0.55
N GLN A 25 -7.22 -8.16 -0.39
CA GLN A 25 -7.88 -9.48 -0.64
C GLN A 25 -7.24 -10.56 0.24
N ALA A 26 -6.23 -11.21 -0.25
CA ALA A 26 -5.57 -12.28 0.56
C ALA A 26 -6.55 -13.41 0.85
N GLY A 27 -7.03 -14.07 -0.18
CA GLY A 27 -8.00 -15.19 0.05
C GLY A 27 -7.23 -16.50 0.25
ZN ZN B . -2.20 1.92 1.64
N ARG A 1 16.09 -1.96 -1.39
CA ARG A 1 15.52 -2.75 -0.26
C ARG A 1 14.32 -2.01 0.34
N ALA A 2 14.39 -0.71 0.41
CA ALA A 2 13.25 0.07 0.99
C ALA A 2 12.12 0.20 -0.03
N PRO A 3 10.96 0.53 0.47
CA PRO A 3 9.77 0.70 -0.40
C PRO A 3 9.89 1.98 -1.23
N ARG A 4 10.69 1.96 -2.26
CA ARG A 4 10.86 3.18 -3.10
C ARG A 4 9.57 3.44 -3.90
N ARG A 5 8.62 2.55 -3.83
CA ARG A 5 7.36 2.74 -4.59
C ARG A 5 6.61 3.97 -4.06
N GLN A 6 6.50 4.09 -2.77
CA GLN A 6 5.79 5.27 -2.19
C GLN A 6 4.37 5.39 -2.76
N GLY A 7 3.42 4.69 -2.19
CA GLY A 7 2.03 4.79 -2.70
C GLY A 7 1.54 3.41 -3.14
N CYS A 8 0.61 2.85 -2.42
CA CYS A 8 0.07 1.51 -2.80
C CYS A 8 -0.42 1.55 -4.25
N TRP A 9 -0.80 0.42 -4.78
CA TRP A 9 -1.32 0.39 -6.18
C TRP A 9 -2.85 0.54 -6.13
N LYS A 10 -3.37 0.90 -5.00
CA LYS A 10 -4.84 1.03 -4.86
C LYS A 10 -5.23 2.16 -3.89
N CYS A 11 -4.64 2.21 -2.73
CA CYS A 11 -5.01 3.28 -1.76
C CYS A 11 -4.33 4.61 -2.13
N GLY A 12 -3.08 4.55 -2.52
CA GLY A 12 -2.37 5.80 -2.89
C GLY A 12 -1.79 6.45 -1.64
N LYS A 13 -1.18 5.67 -0.80
CA LYS A 13 -0.59 6.24 0.45
C LYS A 13 0.67 5.47 0.84
N THR A 14 1.54 6.08 1.60
CA THR A 14 2.79 5.39 2.00
C THR A 14 2.57 4.56 3.28
N GLY A 15 3.61 3.96 3.79
CA GLY A 15 3.46 3.14 5.02
C GLY A 15 2.89 1.76 4.67
N HIS A 16 2.69 1.51 3.39
CA HIS A 16 2.14 0.20 2.96
C HIS A 16 1.86 0.25 1.46
N VAL A 17 1.62 -0.88 0.86
CA VAL A 17 1.35 -0.91 -0.59
C VAL A 17 0.17 -1.83 -0.89
N MET A 18 0.01 -2.23 -2.12
CA MET A 18 -1.11 -3.15 -2.45
C MET A 18 -0.80 -4.53 -1.90
N ALA A 19 0.46 -4.81 -1.68
CA ALA A 19 0.85 -6.13 -1.12
C ALA A 19 0.89 -6.06 0.41
N LYS A 20 0.90 -4.88 0.96
CA LYS A 20 0.95 -4.76 2.45
C LYS A 20 -0.16 -3.83 2.97
N CYS A 21 -0.98 -3.29 2.10
CA CYS A 21 -2.07 -2.38 2.57
C CYS A 21 -3.03 -3.13 3.49
N PRO A 22 -3.33 -2.51 4.61
CA PRO A 22 -4.26 -3.11 5.58
C PRO A 22 -5.71 -2.95 5.10
N GLU A 23 -5.90 -2.39 3.94
CA GLU A 23 -7.28 -2.19 3.41
C GLU A 23 -7.62 -3.29 2.40
N ARG A 24 -7.48 -4.54 2.79
CA ARG A 24 -7.81 -5.65 1.86
C ARG A 24 -9.32 -5.76 1.68
N GLN A 25 -10.05 -5.70 2.76
CA GLN A 25 -11.53 -5.79 2.68
C GLN A 25 -12.14 -5.51 4.05
N ALA A 26 -11.55 -4.61 4.80
CA ALA A 26 -12.10 -4.28 6.15
C ALA A 26 -12.67 -2.86 6.17
N GLY A 27 -12.70 -2.22 5.04
CA GLY A 27 -13.26 -0.83 5.00
C GLY A 27 -12.45 0.02 4.02
ZN ZN B . -2.00 1.90 1.70
N ARG A 1 12.57 -3.34 -2.78
CA ARG A 1 12.68 -2.22 -1.80
C ARG A 1 11.71 -1.10 -2.17
N ALA A 2 11.80 0.03 -1.51
CA ALA A 2 10.90 1.16 -1.83
C ALA A 2 9.43 0.73 -1.64
N PRO A 3 8.60 1.69 -1.39
CA PRO A 3 7.16 1.42 -1.17
C PRO A 3 6.44 1.17 -2.52
N ARG A 4 7.18 1.07 -3.59
CA ARG A 4 6.55 0.83 -4.92
C ARG A 4 5.54 1.94 -5.25
N ARG A 5 5.69 2.59 -6.38
CA ARG A 5 4.75 3.67 -6.75
C ARG A 5 4.46 4.58 -5.55
N GLN A 6 5.37 4.64 -4.61
CA GLN A 6 5.15 5.51 -3.42
C GLN A 6 3.80 5.19 -2.76
N GLY A 7 3.68 4.03 -2.17
CA GLY A 7 2.40 3.66 -1.50
C GLY A 7 1.65 2.63 -2.32
N CYS A 8 0.71 1.94 -1.72
CA CYS A 8 -0.07 0.90 -2.46
C CYS A 8 -0.40 1.39 -3.87
N TRP A 9 -0.60 0.48 -4.79
CA TRP A 9 -0.89 0.88 -6.19
C TRP A 9 -2.41 1.03 -6.38
N LYS A 10 -3.12 1.37 -5.34
CA LYS A 10 -4.60 1.50 -5.48
C LYS A 10 -5.21 2.37 -4.37
N CYS A 11 -4.72 2.25 -3.16
CA CYS A 11 -5.31 3.08 -2.07
C CYS A 11 -4.78 4.50 -2.13
N GLY A 12 -3.53 4.68 -2.44
CA GLY A 12 -2.96 6.05 -2.52
C GLY A 12 -2.35 6.43 -1.18
N LYS A 13 -1.60 5.54 -0.58
CA LYS A 13 -0.98 5.86 0.74
C LYS A 13 0.40 5.19 0.85
N THR A 14 1.33 5.83 1.51
CA THR A 14 2.69 5.23 1.64
C THR A 14 2.80 4.41 2.92
N GLY A 15 4.00 4.12 3.35
CA GLY A 15 4.19 3.32 4.59
C GLY A 15 3.59 1.92 4.39
N HIS A 16 3.27 1.59 3.16
CA HIS A 16 2.69 0.25 2.88
C HIS A 16 2.26 0.22 1.42
N VAL A 17 2.03 -0.93 0.87
CA VAL A 17 1.63 -0.99 -0.54
C VAL A 17 0.39 -1.86 -0.71
N MET A 18 0.06 -2.18 -1.92
CA MET A 18 -1.14 -3.02 -2.17
C MET A 18 -0.91 -4.39 -1.56
N ALA A 19 0.33 -4.74 -1.41
CA ALA A 19 0.67 -6.06 -0.81
C ALA A 19 0.68 -5.93 0.71
N LYS A 20 0.82 -4.74 1.21
CA LYS A 20 0.84 -4.54 2.68
C LYS A 20 -0.50 -3.96 3.14
N CYS A 21 -1.15 -3.19 2.31
CA CYS A 21 -2.46 -2.60 2.72
C CYS A 21 -3.60 -3.57 2.43
N PRO A 22 -4.16 -4.12 3.48
CA PRO A 22 -5.28 -5.08 3.33
C PRO A 22 -6.55 -4.35 2.88
N GLU A 23 -6.50 -3.70 1.75
CA GLU A 23 -7.70 -2.96 1.25
C GLU A 23 -8.44 -2.28 2.41
N ARG A 24 -7.72 -1.83 3.40
CA ARG A 24 -8.40 -1.15 4.55
C ARG A 24 -8.97 0.20 4.11
N GLN A 25 -10.20 0.47 4.45
CA GLN A 25 -10.81 1.76 4.05
C GLN A 25 -10.46 2.10 2.61
N ALA A 26 -10.59 1.15 1.72
CA ALA A 26 -10.26 1.41 0.29
C ALA A 26 -11.42 0.98 -0.60
N GLY A 27 -12.64 1.18 -0.15
CA GLY A 27 -13.82 0.77 -0.98
C GLY A 27 -14.62 -0.29 -0.23
ZN ZN B . -2.03 1.64 1.28
N ARG A 1 12.52 -5.28 3.42
CA ARG A 1 11.70 -5.39 2.19
C ARG A 1 11.47 -4.01 1.58
N ALA A 2 11.53 -2.98 2.38
CA ALA A 2 11.31 -1.61 1.85
C ALA A 2 9.94 -1.51 1.17
N PRO A 3 9.05 -0.81 1.82
CA PRO A 3 7.67 -0.64 1.29
C PRO A 3 7.68 0.31 0.09
N ARG A 4 8.48 0.06 -0.89
CA ARG A 4 8.52 0.96 -2.08
C ARG A 4 7.33 0.66 -3.00
N ARG A 5 7.57 0.27 -4.23
CA ARG A 5 6.44 -0.04 -5.15
C ARG A 5 5.49 1.15 -5.26
N GLN A 6 6.02 2.34 -5.40
CA GLN A 6 5.14 3.54 -5.52
C GLN A 6 3.96 3.45 -4.56
N GLY A 7 4.21 3.51 -3.28
CA GLY A 7 3.10 3.44 -2.28
C GLY A 7 2.08 2.38 -2.72
N CYS A 8 0.89 2.45 -2.20
CA CYS A 8 -0.17 1.46 -2.57
C CYS A 8 -0.55 1.60 -4.04
N TRP A 9 -0.94 0.52 -4.67
CA TRP A 9 -1.34 0.59 -6.11
C TRP A 9 -2.85 0.82 -6.20
N LYS A 10 -3.45 1.20 -5.12
CA LYS A 10 -4.94 1.40 -5.12
C LYS A 10 -5.36 2.34 -3.99
N CYS A 11 -4.72 2.25 -2.87
CA CYS A 11 -5.09 3.15 -1.73
C CYS A 11 -4.50 4.53 -1.99
N GLY A 12 -3.28 4.57 -2.46
CA GLY A 12 -2.65 5.89 -2.77
C GLY A 12 -1.97 6.45 -1.52
N LYS A 13 -1.26 5.63 -0.80
CA LYS A 13 -0.58 6.15 0.42
C LYS A 13 0.66 5.29 0.73
N THR A 14 1.60 5.85 1.42
CA THR A 14 2.84 5.07 1.74
C THR A 14 2.67 4.31 3.06
N GLY A 15 3.73 3.76 3.59
CA GLY A 15 3.62 2.99 4.86
C GLY A 15 2.95 1.64 4.58
N HIS A 16 2.63 1.38 3.34
CA HIS A 16 2.00 0.09 2.95
C HIS A 16 1.62 0.16 1.49
N VAL A 17 1.95 -0.84 0.75
CA VAL A 17 1.62 -0.81 -0.68
C VAL A 17 0.45 -1.76 -0.95
N MET A 18 0.36 -2.29 -2.13
CA MET A 18 -0.76 -3.22 -2.44
C MET A 18 -0.54 -4.54 -1.71
N ALA A 19 0.69 -4.84 -1.42
CA ALA A 19 1.00 -6.10 -0.70
C ALA A 19 0.82 -5.91 0.80
N LYS A 20 1.04 -4.71 1.28
CA LYS A 20 0.88 -4.45 2.73
C LYS A 20 -0.43 -3.71 3.01
N CYS A 21 -1.01 -3.11 2.00
CA CYS A 21 -2.28 -2.37 2.20
C CYS A 21 -3.28 -3.23 2.98
N PRO A 22 -4.39 -2.63 3.31
CA PRO A 22 -5.46 -3.34 4.07
C PRO A 22 -6.13 -4.38 3.17
N GLU A 23 -5.90 -4.32 1.90
CA GLU A 23 -6.53 -5.31 0.97
C GLU A 23 -5.95 -6.70 1.23
N ARG A 24 -4.79 -6.77 1.82
CA ARG A 24 -4.16 -8.09 2.10
C ARG A 24 -5.13 -9.00 2.88
N GLN A 25 -5.13 -10.27 2.57
CA GLN A 25 -6.03 -11.22 3.29
C GLN A 25 -7.40 -10.59 3.53
N ALA A 26 -7.92 -9.88 2.57
CA ALA A 26 -9.25 -9.22 2.76
C ALA A 26 -10.11 -9.39 1.50
N GLY A 27 -11.35 -8.98 1.56
CA GLY A 27 -12.24 -9.11 0.38
C GLY A 27 -11.80 -8.11 -0.70
ZN ZN B . -2.94 1.82 1.05
N ARG A 1 16.00 -0.58 3.86
CA ARG A 1 15.12 0.29 4.71
C ARG A 1 14.15 1.09 3.84
N ALA A 2 14.42 1.16 2.56
CA ALA A 2 13.52 1.93 1.65
C ALA A 2 12.45 1.00 1.06
N PRO A 3 11.25 1.48 1.02
CA PRO A 3 10.12 0.69 0.48
C PRO A 3 10.21 0.59 -1.04
N ARG A 4 11.00 1.42 -1.65
CA ARG A 4 11.15 1.38 -3.14
C ARG A 4 9.79 1.63 -3.81
N ARG A 5 8.91 0.67 -3.79
CA ARG A 5 7.58 0.86 -4.42
C ARG A 5 6.97 2.21 -3.99
N GLN A 6 5.98 2.68 -4.71
CA GLN A 6 5.36 3.98 -4.33
C GLN A 6 4.16 3.76 -3.40
N GLY A 7 4.40 3.20 -2.25
CA GLY A 7 3.29 2.96 -1.29
C GLY A 7 2.27 1.98 -1.87
N CYS A 8 1.01 2.24 -1.67
CA CYS A 8 -0.05 1.35 -2.19
C CYS A 8 -0.36 1.67 -3.66
N TRP A 9 -0.55 0.67 -4.49
CA TRP A 9 -0.86 0.96 -5.91
C TRP A 9 -2.39 1.07 -6.07
N LYS A 10 -3.09 1.10 -4.96
CA LYS A 10 -4.57 1.18 -5.01
C LYS A 10 -5.09 2.10 -3.89
N CYS A 11 -4.39 2.18 -2.79
CA CYS A 11 -4.84 3.04 -1.66
C CYS A 11 -4.47 4.50 -1.95
N GLY A 12 -3.36 4.72 -2.60
CA GLY A 12 -2.94 6.12 -2.89
C GLY A 12 -2.17 6.67 -1.69
N LYS A 13 -1.74 5.81 -0.81
CA LYS A 13 -0.99 6.26 0.39
C LYS A 13 0.32 5.49 0.50
N THR A 14 1.21 5.94 1.35
CA THR A 14 2.50 5.22 1.52
C THR A 14 2.53 4.49 2.85
N GLY A 15 3.70 4.18 3.36
CA GLY A 15 3.78 3.45 4.66
C GLY A 15 3.28 2.02 4.46
N HIS A 16 3.02 1.64 3.24
CA HIS A 16 2.54 0.27 2.94
C HIS A 16 2.29 0.18 1.45
N VAL A 17 1.82 -0.94 0.98
CA VAL A 17 1.59 -1.07 -0.47
C VAL A 17 0.30 -1.85 -0.75
N MET A 18 0.14 -2.30 -1.95
CA MET A 18 -1.07 -3.09 -2.30
C MET A 18 -0.88 -4.53 -1.87
N ALA A 19 0.34 -4.91 -1.59
CA ALA A 19 0.61 -6.30 -1.14
C ALA A 19 0.44 -6.37 0.37
N LYS A 20 0.67 -5.27 1.03
CA LYS A 20 0.52 -5.24 2.51
C LYS A 20 -0.47 -4.12 2.91
N CYS A 21 -1.12 -3.55 1.93
CA CYS A 21 -2.10 -2.45 2.22
C CYS A 21 -3.00 -2.82 3.39
N PRO A 22 -2.92 -2.06 4.45
CA PRO A 22 -3.75 -2.30 5.64
C PRO A 22 -5.13 -1.68 5.45
N GLU A 23 -5.43 -1.22 4.27
CA GLU A 23 -6.76 -0.60 4.02
C GLU A 23 -7.58 -1.46 3.05
N ARG A 24 -7.99 -2.62 3.46
CA ARG A 24 -8.80 -3.50 2.57
C ARG A 24 -10.23 -3.59 3.08
N GLN A 25 -10.43 -3.51 4.37
CA GLN A 25 -11.80 -3.59 4.93
C GLN A 25 -11.76 -3.38 6.43
N ALA A 26 -11.25 -2.26 6.88
CA ALA A 26 -11.18 -2.00 8.34
C ALA A 26 -11.84 -0.65 8.67
N GLY A 27 -11.54 0.35 7.89
CA GLY A 27 -12.14 1.69 8.14
C GLY A 27 -12.86 2.17 6.87
ZN ZN B . -3.08 1.68 0.65
N ARG A 1 6.44 -3.53 4.92
CA ARG A 1 7.69 -3.16 5.63
C ARG A 1 8.39 -2.01 4.91
N ALA A 2 8.12 -1.83 3.64
CA ALA A 2 8.76 -0.72 2.88
C ALA A 2 7.76 -0.09 1.92
N PRO A 3 8.12 1.04 1.40
CA PRO A 3 7.24 1.78 0.45
C PRO A 3 7.26 1.09 -0.93
N ARG A 4 8.40 1.03 -1.55
CA ARG A 4 8.49 0.37 -2.88
C ARG A 4 7.69 1.17 -3.92
N ARG A 5 8.06 1.05 -5.17
CA ARG A 5 7.32 1.80 -6.24
C ARG A 5 6.98 3.21 -5.76
N GLN A 6 5.78 3.42 -5.28
CA GLN A 6 5.41 4.79 -4.81
C GLN A 6 4.04 4.77 -4.14
N GLY A 7 3.93 4.15 -3.00
CA GLY A 7 2.62 4.12 -2.28
C GLY A 7 1.78 2.92 -2.78
N CYS A 8 0.71 2.64 -2.10
CA CYS A 8 -0.18 1.51 -2.51
C CYS A 8 -0.60 1.67 -3.97
N TRP A 9 -0.84 0.58 -4.66
CA TRP A 9 -1.27 0.72 -6.08
C TRP A 9 -2.79 0.82 -6.13
N LYS A 10 -3.42 0.93 -4.98
CA LYS A 10 -4.91 1.02 -4.95
C LYS A 10 -5.39 2.27 -4.20
N CYS A 11 -5.02 2.42 -2.95
CA CYS A 11 -5.48 3.62 -2.19
C CYS A 11 -4.58 4.82 -2.47
N GLY A 12 -3.31 4.61 -2.63
CA GLY A 12 -2.38 5.74 -2.90
C GLY A 12 -1.85 6.29 -1.58
N LYS A 13 -1.26 5.43 -0.78
CA LYS A 13 -0.72 5.90 0.53
C LYS A 13 0.60 5.19 0.83
N THR A 14 1.44 5.79 1.62
CA THR A 14 2.75 5.15 1.95
C THR A 14 2.64 4.32 3.22
N GLY A 15 3.72 3.75 3.67
CA GLY A 15 3.69 2.93 4.90
C GLY A 15 3.04 1.58 4.59
N HIS A 16 2.72 1.34 3.35
CA HIS A 16 2.09 0.06 2.95
C HIS A 16 1.75 0.10 1.47
N VAL A 17 1.89 -1.00 0.79
CA VAL A 17 1.58 -1.00 -0.65
C VAL A 17 0.41 -1.93 -0.93
N MET A 18 0.17 -2.23 -2.15
CA MET A 18 -0.95 -3.16 -2.48
C MET A 18 -0.63 -4.52 -1.85
N ALA A 19 0.62 -4.72 -1.53
CA ALA A 19 1.04 -6.00 -0.90
C ALA A 19 0.89 -5.92 0.61
N LYS A 20 1.03 -4.76 1.20
CA LYS A 20 0.89 -4.66 2.68
C LYS A 20 -0.25 -3.70 3.05
N CYS A 21 -0.90 -3.14 2.06
CA CYS A 21 -2.00 -2.18 2.35
C CYS A 21 -2.85 -2.65 3.53
N PRO A 22 -3.32 -1.70 4.29
CA PRO A 22 -4.17 -2.01 5.46
C PRO A 22 -5.59 -2.35 5.01
N GLU A 23 -6.04 -1.75 3.95
CA GLU A 23 -7.42 -2.04 3.45
C GLU A 23 -7.39 -3.22 2.48
N ARG A 24 -6.40 -4.06 2.59
CA ARG A 24 -6.31 -5.23 1.66
C ARG A 24 -7.58 -6.09 1.77
N GLN A 25 -7.47 -7.33 2.19
CA GLN A 25 -8.69 -8.18 2.29
C GLN A 25 -9.60 -7.66 3.40
N ALA A 26 -10.09 -6.46 3.26
CA ALA A 26 -10.99 -5.89 4.29
C ALA A 26 -12.26 -5.34 3.65
N GLY A 27 -12.55 -5.75 2.44
CA GLY A 27 -13.78 -5.25 1.76
C GLY A 27 -14.05 -6.10 0.52
ZN ZN B . -2.10 1.59 0.64
N ARG A 1 9.84 8.77 3.52
CA ARG A 1 9.47 7.38 3.93
C ARG A 1 9.43 6.45 2.70
N ALA A 2 8.28 6.27 2.11
CA ALA A 2 8.18 5.38 0.92
C ALA A 2 8.88 4.04 1.21
N PRO A 3 8.07 3.07 1.55
CA PRO A 3 8.61 1.72 1.84
C PRO A 3 9.05 1.03 0.54
N ARG A 4 8.25 1.12 -0.48
CA ARG A 4 8.61 0.48 -1.77
C ARG A 4 7.76 1.07 -2.89
N ARG A 5 8.37 1.45 -3.99
CA ARG A 5 7.59 2.04 -5.11
C ARG A 5 6.71 3.18 -4.59
N GLN A 6 5.51 3.29 -5.08
CA GLN A 6 4.62 4.39 -4.59
C GLN A 6 3.65 3.84 -3.55
N GLY A 7 4.16 3.37 -2.45
CA GLY A 7 3.28 2.81 -1.39
C GLY A 7 2.22 1.90 -2.02
N CYS A 8 1.00 2.00 -1.58
CA CYS A 8 -0.09 1.14 -2.14
C CYS A 8 -0.40 1.53 -3.58
N TRP A 9 -0.56 0.57 -4.43
CA TRP A 9 -0.87 0.87 -5.85
C TRP A 9 -2.38 0.93 -6.02
N LYS A 10 -3.10 1.04 -4.93
CA LYS A 10 -4.58 1.08 -5.01
C LYS A 10 -5.18 2.08 -4.02
N CYS A 11 -4.60 2.21 -2.85
CA CYS A 11 -5.16 3.17 -1.86
C CYS A 11 -4.69 4.59 -2.16
N GLY A 12 -3.43 4.75 -2.49
CA GLY A 12 -2.91 6.11 -2.81
C GLY A 12 -2.23 6.71 -1.58
N LYS A 13 -1.48 5.93 -0.86
CA LYS A 13 -0.79 6.45 0.35
C LYS A 13 0.53 5.70 0.59
N THR A 14 1.39 6.25 1.39
CA THR A 14 2.70 5.57 1.66
C THR A 14 2.64 4.84 3.01
N GLY A 15 3.66 4.09 3.32
CA GLY A 15 3.68 3.36 4.62
C GLY A 15 3.09 1.96 4.43
N HIS A 16 3.00 1.51 3.20
CA HIS A 16 2.45 0.16 2.90
C HIS A 16 2.14 0.10 1.41
N VAL A 17 1.94 -1.06 0.87
CA VAL A 17 1.65 -1.14 -0.58
C VAL A 17 0.41 -1.97 -0.85
N MET A 18 0.15 -2.24 -2.09
CA MET A 18 -1.05 -3.07 -2.44
C MET A 18 -0.82 -4.51 -2.00
N ALA A 19 0.41 -4.83 -1.66
CA ALA A 19 0.72 -6.20 -1.22
C ALA A 19 0.50 -6.32 0.29
N LYS A 20 0.65 -5.26 1.02
CA LYS A 20 0.44 -5.34 2.50
C LYS A 20 -0.53 -4.26 3.00
N CYS A 21 -1.06 -3.45 2.12
CA CYS A 21 -2.02 -2.40 2.60
C CYS A 21 -3.14 -3.04 3.42
N PRO A 22 -3.31 -2.53 4.62
CA PRO A 22 -4.36 -3.05 5.51
C PRO A 22 -5.72 -2.43 5.19
N GLU A 23 -5.90 -1.92 4.00
CA GLU A 23 -7.20 -1.31 3.63
C GLU A 23 -8.31 -2.37 3.67
N ARG A 24 -7.95 -3.62 3.64
CA ARG A 24 -8.98 -4.69 3.67
C ARG A 24 -9.71 -4.69 5.02
N GLN A 25 -10.97 -4.34 5.02
CA GLN A 25 -11.74 -4.31 6.29
C GLN A 25 -10.97 -3.54 7.38
N ALA A 26 -10.86 -2.25 7.23
CA ALA A 26 -10.13 -1.44 8.25
C ALA A 26 -10.47 0.05 8.08
N GLY A 27 -10.69 0.73 9.16
CA GLY A 27 -11.03 2.19 9.06
C GLY A 27 -9.85 3.02 9.56
ZN ZN B . -2.08 2.24 1.58
N ARG A 1 11.39 5.67 -1.52
CA ARG A 1 12.74 5.16 -1.17
C ARG A 1 12.64 4.08 -0.10
N ALA A 2 11.81 3.09 -0.31
CA ALA A 2 11.67 2.00 0.70
C ALA A 2 10.46 1.11 0.37
N PRO A 3 9.32 1.73 0.24
CA PRO A 3 8.08 0.99 -0.07
C PRO A 3 8.08 0.51 -1.53
N ARG A 4 9.10 0.82 -2.28
CA ARG A 4 9.15 0.38 -3.70
C ARG A 4 8.02 1.04 -4.49
N ARG A 5 8.31 1.52 -5.67
CA ARG A 5 7.24 2.17 -6.49
C ARG A 5 6.43 3.17 -5.67
N GLN A 6 5.20 3.39 -6.03
CA GLN A 6 4.35 4.35 -5.26
C GLN A 6 3.57 3.63 -4.16
N GLY A 7 4.24 3.22 -3.12
CA GLY A 7 3.56 2.52 -1.99
C GLY A 7 2.37 1.71 -2.49
N CYS A 8 1.17 2.13 -2.15
CA CYS A 8 -0.05 1.39 -2.58
C CYS A 8 -0.46 1.78 -4.00
N TRP A 9 -0.83 0.82 -4.81
CA TRP A 9 -1.26 1.15 -6.20
C TRP A 9 -2.78 1.37 -6.20
N LYS A 10 -3.42 1.09 -5.10
CA LYS A 10 -4.91 1.25 -5.02
C LYS A 10 -5.26 2.19 -3.87
N CYS A 11 -4.54 2.14 -2.79
CA CYS A 11 -4.85 3.03 -1.65
C CYS A 11 -4.30 4.42 -1.93
N GLY A 12 -3.21 4.50 -2.63
CA GLY A 12 -2.62 5.83 -2.95
C GLY A 12 -1.99 6.39 -1.68
N LYS A 13 -1.41 5.54 -0.88
CA LYS A 13 -0.78 6.03 0.37
C LYS A 13 0.57 5.34 0.59
N THR A 14 1.38 5.89 1.46
CA THR A 14 2.70 5.29 1.74
C THR A 14 2.66 4.52 3.06
N GLY A 15 3.79 4.02 3.51
CA GLY A 15 3.79 3.25 4.79
C GLY A 15 3.25 1.85 4.52
N HIS A 16 2.87 1.57 3.31
CA HIS A 16 2.34 0.24 2.94
C HIS A 16 1.94 0.27 1.47
N VAL A 17 1.79 -0.86 0.87
CA VAL A 17 1.42 -0.86 -0.56
C VAL A 17 0.29 -1.86 -0.82
N MET A 18 0.10 -2.24 -2.03
CA MET A 18 -0.99 -3.21 -2.35
C MET A 18 -0.66 -4.57 -1.72
N ALA A 19 0.59 -4.78 -1.43
CA ALA A 19 1.01 -6.07 -0.82
C ALA A 19 0.78 -6.02 0.68
N LYS A 20 0.93 -4.86 1.28
CA LYS A 20 0.71 -4.76 2.75
C LYS A 20 -0.59 -4.00 3.06
N CYS A 21 -1.19 -3.41 2.06
CA CYS A 21 -2.46 -2.66 2.30
C CYS A 21 -3.45 -3.49 3.13
N PRO A 22 -3.70 -3.02 4.33
CA PRO A 22 -4.65 -3.74 5.22
C PRO A 22 -6.09 -3.36 4.85
N GLU A 23 -6.27 -2.67 3.74
CA GLU A 23 -7.64 -2.26 3.34
C GLU A 23 -8.45 -3.46 2.82
N ARG A 24 -7.81 -4.59 2.66
CA ARG A 24 -8.55 -5.79 2.16
C ARG A 24 -8.83 -6.74 3.32
N GLN A 25 -9.07 -7.99 3.03
CA GLN A 25 -9.35 -8.98 4.10
C GLN A 25 -8.30 -8.85 5.22
N ALA A 26 -7.11 -8.43 4.89
CA ALA A 26 -6.06 -8.28 5.93
C ALA A 26 -6.41 -7.13 6.87
N GLY A 27 -7.52 -7.20 7.54
CA GLY A 27 -7.91 -6.10 8.47
C GLY A 27 -7.81 -6.59 9.92
ZN ZN B . -2.92 1.64 0.99
N ARG A 1 10.86 7.61 -2.17
CA ARG A 1 10.85 7.54 -3.66
C ARG A 1 11.02 6.09 -4.13
N ALA A 2 11.88 5.35 -3.48
CA ALA A 2 12.08 3.93 -3.88
C ALA A 2 11.86 2.98 -2.70
N PRO A 3 10.76 3.20 -2.02
CA PRO A 3 10.41 2.36 -0.86
C PRO A 3 9.96 0.98 -1.32
N ARG A 4 10.89 0.12 -1.67
CA ARG A 4 10.50 -1.23 -2.14
C ARG A 4 9.46 -1.13 -3.24
N ARG A 5 8.68 -2.16 -3.44
CA ARG A 5 7.64 -2.12 -4.50
C ARG A 5 6.91 -0.77 -4.44
N GLN A 6 6.40 -0.30 -5.55
CA GLN A 6 5.68 1.01 -5.53
C GLN A 6 4.77 1.08 -4.31
N GLY A 7 4.63 2.25 -3.72
CA GLY A 7 3.74 2.38 -2.53
C GLY A 7 2.35 1.88 -2.88
N CYS A 8 1.38 2.20 -2.07
CA CYS A 8 -0.02 1.73 -2.36
C CYS A 8 -0.31 1.86 -3.85
N TRP A 9 -0.68 0.79 -4.48
CA TRP A 9 -1.01 0.85 -5.93
C TRP A 9 -2.49 1.16 -6.10
N LYS A 10 -3.21 1.17 -5.02
CA LYS A 10 -4.67 1.41 -5.09
C LYS A 10 -5.19 2.02 -3.79
N CYS A 11 -4.31 2.49 -2.95
CA CYS A 11 -4.77 3.11 -1.66
C CYS A 11 -4.56 4.62 -1.73
N GLY A 12 -3.51 5.05 -2.38
CA GLY A 12 -3.25 6.51 -2.49
C GLY A 12 -2.36 7.00 -1.34
N LYS A 13 -1.58 6.13 -0.76
CA LYS A 13 -0.70 6.58 0.36
C LYS A 13 0.45 5.57 0.56
N THR A 14 1.54 6.02 1.13
CA THR A 14 2.69 5.09 1.35
C THR A 14 2.55 4.40 2.72
N GLY A 15 3.61 3.82 3.21
CA GLY A 15 3.53 3.12 4.53
C GLY A 15 2.95 1.72 4.32
N HIS A 16 2.74 1.35 3.09
CA HIS A 16 2.17 0.01 2.78
C HIS A 16 1.77 -0.03 1.32
N VAL A 17 1.83 -1.15 0.69
CA VAL A 17 1.44 -1.21 -0.74
C VAL A 17 0.32 -2.24 -0.93
N MET A 18 0.12 -2.68 -2.13
CA MET A 18 -0.95 -3.68 -2.37
C MET A 18 -0.61 -4.97 -1.64
N ALA A 19 0.63 -5.11 -1.28
CA ALA A 19 1.07 -6.32 -0.54
C ALA A 19 0.92 -6.10 0.95
N LYS A 20 1.01 -4.87 1.40
CA LYS A 20 0.89 -4.59 2.86
C LYS A 20 -0.43 -3.89 3.18
N CYS A 21 -1.05 -3.24 2.21
CA CYS A 21 -2.34 -2.53 2.49
C CYS A 21 -3.54 -3.46 2.24
N PRO A 22 -4.16 -3.87 3.31
CA PRO A 22 -5.33 -4.76 3.22
C PRO A 22 -6.64 -3.97 3.28
N GLU A 23 -6.89 -3.12 2.32
CA GLU A 23 -8.15 -2.32 2.34
C GLU A 23 -8.87 -2.38 1.00
N ARG A 24 -8.13 -2.29 -0.08
CA ARG A 24 -8.71 -2.33 -1.46
C ARG A 24 -10.21 -2.02 -1.47
N GLN A 25 -10.62 -0.93 -0.84
CA GLN A 25 -12.08 -0.61 -0.82
C GLN A 25 -12.87 -1.89 -0.58
N ALA A 26 -12.25 -2.81 0.12
CA ALA A 26 -12.87 -4.12 0.40
C ALA A 26 -13.78 -4.04 1.63
N GLY A 27 -13.21 -3.83 2.79
CA GLY A 27 -14.04 -3.75 4.02
C GLY A 27 -13.13 -3.76 5.25
ZN ZN B . -2.19 2.29 2.14
N ARG A 1 16.39 -0.41 -2.68
CA ARG A 1 16.55 0.73 -1.73
C ARG A 1 15.19 1.38 -1.45
N ALA A 2 14.82 1.49 -0.21
CA ALA A 2 13.51 2.13 0.12
C ALA A 2 12.37 1.39 -0.58
N PRO A 3 11.17 1.76 -0.22
CA PRO A 3 9.97 1.15 -0.82
C PRO A 3 9.77 1.67 -2.24
N ARG A 4 10.43 1.08 -3.20
CA ARG A 4 10.28 1.55 -4.61
C ARG A 4 8.96 1.05 -5.21
N ARG A 5 8.11 0.45 -4.42
CA ARG A 5 6.81 -0.05 -4.96
C ARG A 5 5.85 1.12 -5.18
N GLN A 6 6.31 2.33 -4.96
CA GLN A 6 5.44 3.52 -5.15
C GLN A 6 4.26 3.45 -4.18
N GLY A 7 4.55 3.47 -2.91
CA GLY A 7 3.47 3.41 -1.89
C GLY A 7 2.42 2.38 -2.31
N CYS A 8 1.18 2.65 -2.03
CA CYS A 8 0.10 1.69 -2.40
C CYS A 8 -0.36 1.94 -3.84
N TRP A 9 -0.75 0.90 -4.52
CA TRP A 9 -1.22 1.06 -5.92
C TRP A 9 -2.74 1.25 -5.95
N LYS A 10 -3.38 0.99 -4.84
CA LYS A 10 -4.87 1.08 -4.78
C LYS A 10 -5.31 2.30 -3.97
N CYS A 11 -4.97 2.32 -2.70
CA CYS A 11 -5.40 3.46 -1.88
C CYS A 11 -4.50 4.67 -2.16
N GLY A 12 -3.35 4.42 -2.74
CA GLY A 12 -2.43 5.54 -3.05
C GLY A 12 -1.88 6.12 -1.76
N LYS A 13 -1.38 5.29 -0.90
CA LYS A 13 -0.82 5.79 0.37
C LYS A 13 0.50 5.11 0.69
N THR A 14 1.43 5.83 1.26
CA THR A 14 2.75 5.23 1.57
C THR A 14 2.70 4.51 2.93
N GLY A 15 3.83 4.08 3.43
CA GLY A 15 3.84 3.35 4.73
C GLY A 15 3.23 1.96 4.54
N HIS A 16 2.92 1.62 3.32
CA HIS A 16 2.32 0.30 3.03
C HIS A 16 1.98 0.25 1.54
N VAL A 17 1.90 -0.90 0.97
CA VAL A 17 1.58 -0.96 -0.47
C VAL A 17 0.39 -1.87 -0.72
N MET A 18 0.16 -2.23 -1.95
CA MET A 18 -0.98 -3.12 -2.26
C MET A 18 -0.70 -4.51 -1.71
N ALA A 19 0.54 -4.80 -1.47
CA ALA A 19 0.89 -6.12 -0.91
C ALA A 19 0.77 -6.09 0.61
N LYS A 20 0.89 -4.94 1.20
CA LYS A 20 0.77 -4.85 2.68
C LYS A 20 -0.57 -4.22 3.06
N CYS A 21 -1.07 -3.31 2.25
CA CYS A 21 -2.38 -2.67 2.57
C CYS A 21 -3.54 -3.46 1.94
N PRO A 22 -4.32 -4.06 2.79
CA PRO A 22 -5.47 -4.86 2.33
C PRO A 22 -6.67 -3.95 2.04
N GLU A 23 -6.46 -2.89 1.31
CA GLU A 23 -7.59 -1.95 0.97
C GLU A 23 -7.97 -1.11 2.20
N ARG A 24 -7.36 -1.35 3.33
CA ARG A 24 -7.69 -0.55 4.54
C ARG A 24 -9.19 -0.64 4.88
N GLN A 25 -9.51 -0.55 6.16
CA GLN A 25 -10.95 -0.62 6.59
C GLN A 25 -11.76 -1.50 5.64
N ALA A 26 -11.41 -2.75 5.49
CA ALA A 26 -12.16 -3.64 4.57
C ALA A 26 -12.55 -4.93 5.28
N GLY A 27 -11.60 -5.61 5.86
CA GLY A 27 -11.92 -6.89 6.56
C GLY A 27 -12.46 -6.59 7.96
ZN ZN B . -2.22 1.26 1.36
N ARG A 1 14.68 10.48 2.19
CA ARG A 1 14.06 9.13 2.31
C ARG A 1 13.68 8.60 0.92
N ALA A 2 12.64 9.11 0.34
CA ALA A 2 12.22 8.63 -1.02
C ALA A 2 12.37 7.11 -1.12
N PRO A 3 11.48 6.43 -0.47
CA PRO A 3 11.50 4.95 -0.48
C PRO A 3 10.97 4.43 -1.82
N ARG A 4 11.55 4.87 -2.91
CA ARG A 4 11.07 4.42 -4.23
C ARG A 4 9.54 4.62 -4.32
N ARG A 5 8.78 3.58 -4.14
CA ARG A 5 7.30 3.74 -4.18
C ARG A 5 6.73 3.58 -2.78
N GLN A 6 7.04 2.47 -2.14
CA GLN A 6 6.54 2.21 -0.75
C GLN A 6 5.16 2.84 -0.54
N GLY A 7 4.23 2.47 -1.36
CA GLY A 7 2.85 3.03 -1.23
C GLY A 7 1.84 2.09 -1.87
N CYS A 8 0.58 2.38 -1.73
CA CYS A 8 -0.47 1.51 -2.31
C CYS A 8 -0.64 1.79 -3.80
N TRP A 9 -0.80 0.78 -4.61
CA TRP A 9 -0.97 1.03 -6.07
C TRP A 9 -2.47 1.19 -6.36
N LYS A 10 -3.26 1.29 -5.33
CA LYS A 10 -4.74 1.43 -5.52
C LYS A 10 -5.35 2.35 -4.46
N CYS A 11 -4.86 2.26 -3.25
CA CYS A 11 -5.39 3.13 -2.17
C CYS A 11 -4.79 4.53 -2.30
N GLY A 12 -3.49 4.64 -2.34
CA GLY A 12 -2.85 5.97 -2.50
C GLY A 12 -2.21 6.42 -1.19
N LYS A 13 -1.32 5.63 -0.64
CA LYS A 13 -0.67 6.04 0.64
C LYS A 13 0.64 5.27 0.84
N THR A 14 1.64 5.93 1.36
CA THR A 14 2.95 5.24 1.57
C THR A 14 2.95 4.54 2.94
N GLY A 15 4.04 3.91 3.28
CA GLY A 15 4.08 3.17 4.57
C GLY A 15 3.44 1.80 4.38
N HIS A 16 3.00 1.51 3.18
CA HIS A 16 2.36 0.19 2.89
C HIS A 16 1.89 0.18 1.45
N VAL A 17 1.82 -0.97 0.85
CA VAL A 17 1.39 -1.02 -0.57
C VAL A 17 0.29 -2.05 -0.76
N MET A 18 0.04 -2.42 -1.97
CA MET A 18 -1.01 -3.44 -2.24
C MET A 18 -0.64 -4.72 -1.52
N ALA A 19 0.62 -4.90 -1.31
CA ALA A 19 1.12 -6.11 -0.62
C ALA A 19 0.98 -5.95 0.89
N LYS A 20 1.00 -4.74 1.38
CA LYS A 20 0.88 -4.55 2.84
C LYS A 20 -0.49 -3.95 3.21
N CYS A 21 -1.14 -3.28 2.28
CA CYS A 21 -2.47 -2.68 2.58
C CYS A 21 -3.60 -3.66 2.24
N PRO A 22 -4.34 -4.04 3.25
CA PRO A 22 -5.47 -4.97 3.06
C PRO A 22 -6.73 -4.18 2.65
N GLU A 23 -6.57 -3.21 1.78
CA GLU A 23 -7.73 -2.38 1.34
C GLU A 23 -8.09 -1.32 2.39
N ARG A 24 -7.71 -1.55 3.63
CA ARG A 24 -8.02 -0.55 4.71
C ARG A 24 -9.53 -0.38 4.85
N GLN A 25 -10.29 -1.25 4.23
CA GLN A 25 -11.77 -1.16 4.34
C GLN A 25 -12.31 -2.42 5.04
N ALA A 26 -11.44 -3.13 5.71
CA ALA A 26 -11.86 -4.36 6.42
C ALA A 26 -12.17 -4.06 7.88
N GLY A 27 -11.92 -2.85 8.31
CA GLY A 27 -12.20 -2.49 9.73
C GLY A 27 -12.47 -0.99 9.84
ZN ZN B . -2.84 1.94 1.41
N ARG A 1 16.81 4.09 2.06
CA ARG A 1 17.02 4.04 0.59
C ARG A 1 15.68 4.15 -0.14
N ALA A 2 14.70 3.39 0.28
CA ALA A 2 13.36 3.46 -0.40
C ALA A 2 12.42 2.44 0.23
N PRO A 3 11.16 2.78 0.26
CA PRO A 3 10.13 1.88 0.84
C PRO A 3 9.80 0.75 -0.14
N ARG A 4 10.80 0.12 -0.71
CA ARG A 4 10.54 -1.00 -1.66
C ARG A 4 9.69 -0.52 -2.85
N ARG A 5 8.40 -0.41 -2.68
CA ARG A 5 7.53 0.06 -3.80
C ARG A 5 7.08 1.50 -3.57
N GLN A 6 6.88 1.87 -2.33
CA GLN A 6 6.46 3.27 -2.03
C GLN A 6 5.01 3.52 -2.47
N GLY A 7 4.11 3.64 -1.54
CA GLY A 7 2.68 3.91 -1.90
C GLY A 7 2.01 2.65 -2.46
N CYS A 8 0.76 2.44 -2.12
CA CYS A 8 0.03 1.25 -2.63
C CYS A 8 -0.27 1.42 -4.12
N TRP A 9 -0.80 0.40 -4.73
CA TRP A 9 -1.14 0.49 -6.16
C TRP A 9 -2.58 0.98 -6.30
N LYS A 10 -3.24 1.18 -5.20
CA LYS A 10 -4.66 1.59 -5.26
C LYS A 10 -5.13 2.29 -3.98
N CYS A 11 -4.27 2.48 -3.01
CA CYS A 11 -4.72 3.15 -1.76
C CYS A 11 -4.39 4.66 -1.85
N GLY A 12 -3.27 5.00 -2.41
CA GLY A 12 -2.90 6.44 -2.56
C GLY A 12 -2.24 6.94 -1.28
N LYS A 13 -1.48 6.12 -0.62
CA LYS A 13 -0.82 6.59 0.63
C LYS A 13 0.49 5.83 0.87
N THR A 14 1.47 6.51 1.40
CA THR A 14 2.77 5.85 1.68
C THR A 14 2.73 5.17 3.05
N GLY A 15 3.51 4.14 3.22
CA GLY A 15 3.52 3.43 4.53
C GLY A 15 3.09 1.97 4.32
N HIS A 16 2.80 1.60 3.10
CA HIS A 16 2.38 0.21 2.81
C HIS A 16 2.03 0.08 1.33
N VAL A 17 1.70 -1.08 0.89
CA VAL A 17 1.38 -1.24 -0.55
C VAL A 17 0.23 -2.21 -0.77
N MET A 18 -0.02 -2.55 -1.99
CA MET A 18 -1.12 -3.51 -2.29
C MET A 18 -0.73 -4.90 -1.81
N ALA A 19 0.51 -5.06 -1.45
CA ALA A 19 0.97 -6.38 -0.95
C ALA A 19 0.79 -6.46 0.56
N LYS A 20 0.88 -5.36 1.24
CA LYS A 20 0.71 -5.41 2.73
C LYS A 20 -0.41 -4.47 3.20
N CYS A 21 -0.98 -3.69 2.34
CA CYS A 21 -2.08 -2.76 2.78
C CYS A 21 -3.40 -3.53 2.89
N PRO A 22 -4.03 -3.42 4.03
CA PRO A 22 -5.31 -4.12 4.27
C PRO A 22 -6.46 -3.37 3.58
N GLU A 23 -6.37 -3.17 2.29
CA GLU A 23 -7.46 -2.45 1.58
C GLU A 23 -7.74 -3.15 0.24
N ARG A 24 -7.37 -4.40 0.13
CA ARG A 24 -7.60 -5.14 -1.14
C ARG A 24 -8.88 -5.97 -1.05
N GLN A 25 -9.25 -6.39 0.13
CA GLN A 25 -10.49 -7.21 0.27
C GLN A 25 -10.79 -7.52 1.73
N ALA A 26 -10.41 -6.65 2.63
CA ALA A 26 -10.69 -6.90 4.08
C ALA A 26 -11.73 -5.91 4.59
N GLY A 27 -12.96 -6.33 4.72
CA GLY A 27 -14.01 -5.41 5.22
C GLY A 27 -14.07 -5.46 6.75
ZN ZN B . -2.30 1.58 1.44
#